data_6EIY
#
_entry.id   6EIY
#
_cell.length_a   142.380
_cell.length_b   142.380
_cell.length_c   152.170
_cell.angle_alpha   90.000
_cell.angle_beta   90.000
_cell.angle_gamma   120.000
#
_symmetry.space_group_name_H-M   'P 65 2 2'
#
loop_
_entity.id
_entity.type
_entity.pdbx_description
1 polymer 'Lysine-specific demethylase 5B,Lysine-specific demethylase 5B'
2 non-polymer 'ZINC ION'
3 non-polymer 'MANGANESE (II) ION'
4 non-polymer 1,2-ETHANEDIOL
5 non-polymer 'DIMETHYL SULFOXIDE'
6 non-polymer 2-chloranyl-~{N}-[2-[4-(3-cyano-7-oxidanylidene-6-propan-2-yl-4~{H}-pyrazolo[1,5-a]pyrimidin-5-yl)pyrazol-1-yl]ethyl]ethanamide
7 water water
#
_entity_poly.entity_id   1
_entity_poly.type   'polypeptide(L)'
_entity_poly.pdbx_seq_one_letter_code
;MFLPPPECPVFEPSWEEFADPFAFIHKIRPIAEQTGICKVRPPPDWQPPFACDVDKLHFTPRIQRLNELEAQTRVKGGGG
ARDYTLRTFGEMADAFKSDYFNMPVHMVPTELVEKEFWRLVSTIEEDVTVEYGADIASKEFGSGFPVRDGKIKLSPEEEE
YLDSGWNLNNMPVMEQSVLAHITADICGMKLPWLYVGMCFSSFCWHIEDHWSYSINYLHWGEPKTWYGVPGYAAEQLENV
MKKLAPELFVSQPDLLHQLVTIMNPNTLMTHEVPVYRTNQCAGEFVITFPRAYHSGFNQGFNFAEAVNFCTVDWLPLGRQ
CVEHYRLLHRYCVFSHDEMICKMASKADVLDVVVASTVQKDMAIMIEDEKALRETVRKLGVIDSERMDFELLPDDERQCV
KCKTTCFMSAISCSCKPGLLVCLHHVKELCSCPPYKYKLRYRYTLDDLYPMMNALKLRAES
;
_entity_poly.pdbx_strand_id   A
#
loop_
_chem_comp.id
_chem_comp.type
_chem_comp.name
_chem_comp.formula
B6W non-polymer 2-chloranyl-~{N}-[2-[4-(3-cyano-7-oxidanylidene-6-propan-2-yl-4~{H}-pyrazolo[1,5-a]pyrimidin-5-yl)pyrazol-1-yl]ethyl]ethanamide 'C17 H18 Cl N7 O2'
DMS non-polymer 'DIMETHYL SULFOXIDE' 'C2 H6 O S'
EDO non-polymer 1,2-ETHANEDIOL 'C2 H6 O2'
MN non-polymer 'MANGANESE (II) ION' 'Mn 2'
ZN non-polymer 'ZINC ION' 'Zn 2'
#
# COMPACT_ATOMS: atom_id res chain seq x y z
N MET A 1 3.00 -12.99 29.48
CA MET A 1 2.35 -14.04 28.69
C MET A 1 1.59 -13.59 27.42
N PHE A 2 1.64 -14.41 26.37
CA PHE A 2 1.09 -14.06 25.07
C PHE A 2 0.07 -15.10 24.64
N LEU A 3 -1.10 -14.66 24.19
CA LEU A 3 -2.12 -15.56 23.65
C LEU A 3 -2.21 -15.34 22.13
N PRO A 4 -1.78 -16.31 21.32
CA PRO A 4 -1.72 -16.06 19.88
C PRO A 4 -3.09 -15.86 19.29
N PRO A 5 -3.27 -14.84 18.46
CA PRO A 5 -4.53 -14.67 17.72
C PRO A 5 -4.88 -15.93 16.95
N PRO A 6 -6.15 -16.13 16.62
CA PRO A 6 -6.53 -17.26 15.76
C PRO A 6 -5.88 -17.14 14.39
N GLU A 7 -5.66 -18.30 13.76
CA GLU A 7 -5.05 -18.33 12.43
C GLU A 7 -5.96 -17.73 11.36
N CYS A 8 -5.36 -17.00 10.43
CA CYS A 8 -6.11 -16.48 9.28
C CYS A 8 -6.36 -17.61 8.29
N PRO A 9 -7.25 -17.40 7.30
CA PRO A 9 -7.50 -18.44 6.30
C PRO A 9 -6.27 -18.73 5.47
N VAL A 10 -6.12 -20.00 5.09
CA VAL A 10 -5.07 -20.45 4.19
C VAL A 10 -5.72 -21.09 2.98
N PHE A 11 -5.32 -20.67 1.79
CA PHE A 11 -5.88 -21.19 0.56
C PHE A 11 -4.83 -22.00 -0.18
N GLU A 12 -5.25 -23.15 -0.72
CA GLU A 12 -4.40 -24.06 -1.50
C GLU A 12 -5.09 -24.27 -2.85
N PRO A 13 -5.02 -23.28 -3.74
CA PRO A 13 -5.70 -23.42 -5.03
C PRO A 13 -5.03 -24.47 -5.92
N SER A 14 -5.86 -25.18 -6.68
CA SER A 14 -5.39 -26.00 -7.80
C SER A 14 -4.83 -25.09 -8.88
N TRP A 15 -4.20 -25.70 -9.90
CA TRP A 15 -3.62 -24.86 -10.93
C TRP A 15 -4.69 -24.09 -11.69
N GLU A 16 -5.83 -24.73 -11.98
CA GLU A 16 -6.90 -24.01 -12.65
C GLU A 16 -7.32 -22.79 -11.85
N GLU A 17 -7.52 -22.95 -10.53
CA GLU A 17 -7.93 -21.83 -9.70
C GLU A 17 -6.82 -20.78 -9.60
N PHE A 18 -5.56 -21.23 -9.57
CA PHE A 18 -4.42 -20.37 -9.28
C PHE A 18 -3.99 -19.54 -10.49
N ALA A 19 -4.24 -20.03 -11.70
CA ALA A 19 -3.69 -19.46 -12.92
C ALA A 19 -3.90 -17.95 -13.00
N ASP A 20 -5.15 -17.49 -12.86
CA ASP A 20 -5.43 -16.07 -12.92
C ASP A 20 -5.50 -15.48 -11.51
N PRO A 21 -4.50 -14.72 -11.07
CA PRO A 21 -4.53 -14.21 -9.68
C PRO A 21 -5.73 -13.31 -9.36
N PHE A 22 -6.17 -12.47 -10.30
CA PHE A 22 -7.30 -11.56 -10.03
C PHE A 22 -8.61 -12.31 -9.89
N ALA A 23 -8.84 -13.32 -10.74
CA ALA A 23 -10.03 -14.15 -10.56
C ALA A 23 -9.97 -14.88 -9.22
N PHE A 24 -8.80 -15.39 -8.84
CA PHE A 24 -8.70 -16.11 -7.58
C PHE A 24 -8.92 -15.20 -6.38
N ILE A 25 -8.35 -13.99 -6.43
CA ILE A 25 -8.52 -13.05 -5.32
C ILE A 25 -9.99 -12.68 -5.16
N HIS A 26 -10.68 -12.45 -6.28
CA HIS A 26 -12.11 -12.12 -6.25
C HIS A 26 -12.91 -13.25 -5.60
N LYS A 27 -12.56 -14.51 -5.92
CA LYS A 27 -13.27 -15.64 -5.35
C LYS A 27 -13.08 -15.74 -3.84
N ILE A 28 -11.86 -15.49 -3.34
CA ILE A 28 -11.62 -15.63 -1.90
C ILE A 28 -12.03 -14.40 -1.11
N ARG A 29 -12.30 -13.29 -1.78
CA ARG A 29 -12.58 -12.03 -1.09
C ARG A 29 -13.69 -12.14 -0.04
N PRO A 30 -14.80 -12.87 -0.26
CA PRO A 30 -15.80 -12.98 0.81
C PRO A 30 -15.26 -13.52 2.11
N ILE A 31 -14.39 -14.54 2.06
CA ILE A 31 -13.78 -15.08 3.26
C ILE A 31 -12.68 -14.15 3.78
N ALA A 32 -11.77 -13.75 2.88
CA ALA A 32 -10.54 -13.12 3.32
C ALA A 32 -10.76 -11.68 3.79
N GLU A 33 -11.75 -10.98 3.26
CA GLU A 33 -11.94 -9.63 3.77
C GLU A 33 -12.54 -9.63 5.18
N GLN A 34 -12.96 -10.79 5.69
CA GLN A 34 -13.42 -10.87 7.06
C GLN A 34 -12.26 -11.00 8.04
N THR A 35 -11.09 -11.38 7.54
CA THR A 35 -9.94 -11.54 8.40
C THR A 35 -8.84 -10.53 8.09
N GLY A 36 -8.99 -9.71 7.07
CA GLY A 36 -7.96 -8.74 6.73
C GLY A 36 -6.78 -9.30 5.94
N ILE A 37 -6.19 -10.40 6.40
CA ILE A 37 -5.10 -11.07 5.69
C ILE A 37 -5.49 -12.51 5.41
N CYS A 38 -4.83 -13.08 4.41
CA CYS A 38 -4.92 -14.50 4.16
C CYS A 38 -3.61 -14.97 3.54
N LYS A 39 -3.39 -16.27 3.62
CA LYS A 39 -2.19 -16.91 3.09
C LYS A 39 -2.58 -17.79 1.90
N VAL A 40 -1.73 -17.82 0.89
CA VAL A 40 -1.96 -18.62 -0.32
C VAL A 40 -0.74 -19.50 -0.55
N ARG A 41 -0.94 -20.82 -0.52
N ARG A 41 -0.97 -20.82 -0.57
CA ARG A 41 0.11 -21.73 -0.93
CA ARG A 41 0.07 -21.77 -0.94
C ARG A 41 -0.10 -22.07 -2.40
C ARG A 41 -0.09 -22.11 -2.41
N PRO A 42 0.85 -21.77 -3.27
CA PRO A 42 0.69 -22.07 -4.69
C PRO A 42 0.67 -23.56 -4.92
N PRO A 43 0.06 -24.03 -6.00
CA PRO A 43 0.07 -25.46 -6.31
C PRO A 43 1.48 -25.99 -6.36
N PRO A 44 1.70 -27.27 -6.05
CA PRO A 44 3.03 -27.71 -5.60
C PRO A 44 4.13 -27.54 -6.62
N ASP A 45 3.83 -27.51 -7.91
CA ASP A 45 4.87 -27.39 -8.92
C ASP A 45 5.03 -25.97 -9.47
N TRP A 46 4.28 -24.99 -8.95
CA TRP A 46 4.61 -23.59 -9.17
C TRP A 46 5.76 -23.23 -8.23
N GLN A 47 6.98 -23.18 -8.76
CA GLN A 47 8.17 -22.92 -7.95
C GLN A 47 9.10 -22.09 -8.79
N PRO A 48 9.07 -20.77 -8.64
CA PRO A 48 9.96 -19.92 -9.41
C PRO A 48 11.39 -20.09 -8.91
N PRO A 49 12.38 -19.81 -9.74
CA PRO A 49 13.77 -19.95 -9.30
C PRO A 49 14.18 -18.87 -8.31
N PHE A 50 15.21 -19.21 -7.52
CA PHE A 50 15.90 -18.27 -6.61
C PHE A 50 17.39 -18.56 -6.84
N ALA A 51 18.00 -17.81 -7.76
CA ALA A 51 19.34 -18.11 -8.24
C ALA A 51 20.22 -16.88 -8.04
N CYS A 52 20.52 -16.54 -6.79
CA CYS A 52 21.32 -15.36 -6.54
C CYS A 52 22.69 -15.71 -5.96
N ASP A 53 23.64 -14.82 -6.23
CA ASP A 53 24.95 -14.86 -5.60
C ASP A 53 24.96 -13.86 -4.45
N VAL A 54 25.03 -14.38 -3.22
CA VAL A 54 24.92 -13.53 -2.03
C VAL A 54 26.09 -12.58 -1.87
N ASP A 55 27.22 -12.85 -2.54
CA ASP A 55 28.39 -11.99 -2.46
C ASP A 55 28.31 -10.78 -3.40
N LYS A 56 27.36 -10.75 -4.30
CA LYS A 56 27.27 -9.62 -5.21
C LYS A 56 26.04 -8.76 -4.97
N LEU A 57 25.12 -9.18 -4.11
CA LEU A 57 23.97 -8.38 -3.76
C LEU A 57 24.32 -7.50 -2.56
N HIS A 58 24.16 -6.19 -2.72
N HIS A 58 24.75 -5.77 -2.87
CA HIS A 58 24.57 -5.17 -1.78
CA HIS A 58 24.84 -5.03 -1.62
C HIS A 58 23.33 -4.36 -1.41
C HIS A 58 23.56 -4.20 -1.42
N PHE A 59 23.27 -3.89 -0.17
CA PHE A 59 22.18 -2.98 0.18
C PHE A 59 22.55 -2.21 1.44
N THR A 60 21.87 -1.07 1.63
CA THR A 60 22.13 -0.23 2.79
C THR A 60 21.23 -0.66 3.94
N PRO A 61 21.76 -1.19 5.03
CA PRO A 61 20.89 -1.61 6.13
C PRO A 61 20.26 -0.42 6.83
N ARG A 62 19.09 -0.67 7.42
CA ARG A 62 18.41 0.27 8.30
C ARG A 62 18.39 -0.30 9.71
N ILE A 63 18.42 0.60 10.71
CA ILE A 63 18.47 0.19 12.11
C ILE A 63 17.10 0.39 12.75
N GLN A 64 16.76 -0.52 13.65
CA GLN A 64 15.43 -0.53 14.27
C GLN A 64 15.57 -0.86 15.75
N ARG A 65 15.07 0.01 16.61
CA ARG A 65 14.84 -0.31 18.02
C ARG A 65 13.48 -0.98 18.18
N LEU A 66 13.35 -1.82 19.20
CA LEU A 66 12.16 -2.67 19.33
C LEU A 66 11.48 -2.36 20.67
N ASN A 67 10.67 -1.30 20.69
CA ASN A 67 9.97 -0.90 21.90
C ASN A 67 8.49 -0.72 21.57
N GLU A 68 7.65 -1.47 22.27
CA GLU A 68 6.21 -1.36 22.05
C GLU A 68 5.75 0.07 22.30
N LEU A 69 4.92 0.57 21.37
CA LEU A 69 4.28 1.89 21.41
C LEU A 69 5.23 3.01 21.10
N GLU A 70 6.51 2.72 20.84
CA GLU A 70 7.46 3.74 20.44
C GLU A 70 7.24 4.14 18.98
N ALA A 71 7.36 5.43 18.70
CA ALA A 71 7.12 5.93 17.36
C ALA A 71 8.22 5.49 16.41
N GLN A 72 7.81 5.12 15.19
CA GLN A 72 8.71 4.84 14.09
C GLN A 72 8.09 5.46 12.85
N THR A 73 8.90 5.62 11.80
CA THR A 73 8.49 6.22 10.53
C THR A 73 8.42 5.15 9.42
N ARG A 74 7.87 5.56 8.28
CA ARG A 74 8.10 4.83 7.04
C ARG A 74 9.50 5.14 6.54
N VAL A 75 10.07 4.20 5.81
CA VAL A 75 11.42 4.35 5.29
C VAL A 75 11.36 5.12 3.98
N LYS A 76 12.46 5.81 3.67
CA LYS A 76 12.66 6.48 2.38
C LYS A 76 13.44 5.56 1.43
N ALA A 81 24.36 5.15 3.32
CA ALA A 81 25.75 5.07 3.79
C ALA A 81 26.25 3.61 3.88
N ARG A 82 26.14 3.02 5.09
CA ARG A 82 26.61 1.68 5.45
C ARG A 82 26.28 0.61 4.42
N ASP A 83 26.94 -0.56 4.49
CA ASP A 83 26.75 -1.53 3.43
C ASP A 83 26.99 -2.97 3.87
N TYR A 84 26.04 -3.85 3.55
CA TYR A 84 26.17 -5.29 3.71
C TYR A 84 26.09 -5.96 2.36
N THR A 85 26.81 -7.07 2.19
CA THR A 85 26.35 -7.97 1.15
C THR A 85 25.24 -8.83 1.72
N LEU A 86 24.48 -9.47 0.84
CA LEU A 86 23.52 -10.44 1.32
C LEU A 86 24.23 -11.52 2.14
N ARG A 87 25.47 -11.87 1.80
CA ARG A 87 26.19 -12.85 2.60
C ARG A 87 26.52 -12.31 3.99
N THR A 88 27.15 -11.13 4.07
CA THR A 88 27.54 -10.65 5.39
C THR A 88 26.31 -10.31 6.23
N PHE A 89 25.23 -9.82 5.58
CA PHE A 89 24.00 -9.62 6.33
C PHE A 89 23.48 -10.95 6.87
N GLY A 90 23.46 -11.99 6.02
CA GLY A 90 22.99 -13.28 6.48
C GLY A 90 23.81 -13.82 7.64
N GLU A 91 25.13 -13.58 7.62
CA GLU A 91 26.00 -14.13 8.65
C GLU A 91 25.78 -13.38 9.96
N MET A 92 25.64 -12.05 9.88
CA MET A 92 25.28 -11.27 11.06
C MET A 92 23.95 -11.73 11.62
N ALA A 93 22.96 -11.92 10.75
CA ALA A 93 21.61 -12.27 11.19
C ALA A 93 21.57 -13.63 11.87
N ASP A 94 22.18 -14.64 11.26
CA ASP A 94 22.17 -15.97 11.84
C ASP A 94 22.92 -16.00 13.16
N ALA A 95 24.07 -15.33 13.23
CA ALA A 95 24.83 -15.32 14.48
C ALA A 95 24.05 -14.60 15.58
N PHE A 96 23.35 -13.51 15.23
CA PHE A 96 22.50 -12.83 16.21
C PHE A 96 21.46 -13.78 16.80
N LYS A 97 20.74 -14.50 15.94
CA LYS A 97 19.67 -15.34 16.46
C LYS A 97 20.22 -16.51 17.25
N SER A 98 21.26 -17.17 16.72
CA SER A 98 21.77 -18.33 17.44
C SER A 98 22.42 -17.93 18.78
N ASP A 99 23.11 -16.77 18.82
CA ASP A 99 23.64 -16.23 20.07
C ASP A 99 22.53 -15.82 21.03
N TYR A 100 21.43 -15.28 20.50
CA TYR A 100 20.33 -14.80 21.34
C TYR A 100 19.68 -15.94 22.10
N PHE A 101 19.50 -17.09 21.46
CA PHE A 101 18.85 -18.23 22.07
C PHE A 101 19.80 -19.32 22.49
N ASN A 102 21.08 -19.19 22.16
CA ASN A 102 22.07 -20.26 22.33
C ASN A 102 21.56 -21.59 21.78
N MET A 103 20.96 -21.52 20.59
CA MET A 103 20.45 -22.68 19.86
C MET A 103 20.72 -22.48 18.38
N PRO A 104 20.82 -23.57 17.60
CA PRO A 104 20.80 -23.41 16.13
C PRO A 104 19.52 -22.70 15.67
N VAL A 105 19.64 -21.89 14.62
CA VAL A 105 18.53 -20.99 14.25
C VAL A 105 17.25 -21.75 13.96
N HIS A 106 17.35 -22.97 13.44
CA HIS A 106 16.10 -23.57 13.03
C HIS A 106 15.45 -24.36 14.15
N MET A 107 16.19 -24.67 15.21
CA MET A 107 15.41 -25.33 16.22
C MET A 107 14.72 -24.41 17.19
N VAL A 108 14.83 -23.10 16.97
CA VAL A 108 14.02 -22.23 17.80
C VAL A 108 12.60 -22.26 17.26
N PRO A 109 11.63 -22.74 18.04
CA PRO A 109 10.25 -22.81 17.56
C PRO A 109 9.67 -21.44 17.31
N THR A 110 8.80 -21.35 16.28
CA THR A 110 8.21 -20.07 15.91
C THR A 110 7.35 -19.50 17.03
N GLU A 111 6.60 -20.38 17.72
CA GLU A 111 5.81 -19.98 18.90
C GLU A 111 6.69 -19.29 19.93
N LEU A 112 7.91 -19.80 20.11
CA LEU A 112 8.79 -19.25 21.12
C LEU A 112 9.32 -17.88 20.71
N VAL A 113 9.83 -17.78 19.47
CA VAL A 113 10.26 -16.48 18.94
C VAL A 113 9.12 -15.47 19.05
N GLU A 114 7.89 -15.92 18.80
CA GLU A 114 6.75 -15.02 18.94
C GLU A 114 6.58 -14.53 20.37
N LYS A 115 6.58 -15.48 21.32
CA LYS A 115 6.53 -15.13 22.75
C LYS A 115 7.65 -14.17 23.10
N GLU A 116 8.87 -14.52 22.72
CA GLU A 116 10.01 -13.69 23.10
C GLU A 116 9.93 -12.32 22.45
N PHE A 117 9.43 -12.24 21.22
CA PHE A 117 9.27 -10.93 20.59
C PHE A 117 8.36 -10.05 21.44
N TRP A 118 7.21 -10.57 21.83
CA TRP A 118 6.30 -9.73 22.59
C TRP A 118 6.82 -9.47 24.01
N ARG A 119 7.67 -10.34 24.54
CA ARG A 119 8.32 -10.02 25.82
C ARG A 119 9.32 -8.87 25.65
N LEU A 120 10.26 -9.01 24.71
CA LEU A 120 11.33 -8.02 24.61
C LEU A 120 10.82 -6.64 24.22
N VAL A 121 9.76 -6.54 23.42
CA VAL A 121 9.26 -5.23 23.03
C VAL A 121 8.59 -4.50 24.17
N SER A 122 8.09 -5.22 25.17
CA SER A 122 7.40 -4.58 26.27
C SER A 122 8.30 -4.30 27.47
N THR A 123 9.51 -4.88 27.52
CA THR A 123 10.43 -4.67 28.62
C THR A 123 11.31 -3.47 28.34
N ILE A 124 11.24 -2.45 29.20
CA ILE A 124 12.08 -1.28 28.96
C ILE A 124 13.55 -1.56 29.28
N GLU A 125 13.81 -2.55 30.14
CA GLU A 125 15.18 -2.95 30.42
C GLU A 125 15.89 -3.46 29.16
N GLU A 126 15.22 -4.30 28.37
CA GLU A 126 15.81 -4.78 27.13
C GLU A 126 15.96 -3.63 26.14
N ASP A 127 17.16 -3.48 25.58
CA ASP A 127 17.44 -2.51 24.52
C ASP A 127 18.00 -3.24 23.30
N VAL A 128 17.15 -4.02 22.65
CA VAL A 128 17.54 -4.79 21.47
C VAL A 128 17.39 -3.92 20.23
N THR A 129 18.43 -3.85 19.42
CA THR A 129 18.34 -3.21 18.12
C THR A 129 18.68 -4.23 17.05
N VAL A 130 17.98 -4.19 15.91
CA VAL A 130 18.23 -5.10 14.81
C VAL A 130 18.29 -4.27 13.54
N GLU A 131 18.67 -4.93 12.45
CA GLU A 131 18.85 -4.28 11.15
C GLU A 131 18.07 -5.04 10.07
N TYR A 132 17.78 -4.36 8.98
CA TYR A 132 16.98 -4.97 7.93
C TYR A 132 17.21 -4.20 6.64
N GLY A 133 16.75 -4.79 5.54
CA GLY A 133 16.74 -4.12 4.24
C GLY A 133 15.32 -3.84 3.82
N ALA A 134 15.10 -2.65 3.27
CA ALA A 134 13.80 -2.31 2.69
C ALA A 134 14.06 -1.30 1.59
N ASP A 135 13.80 -1.68 0.35
CA ASP A 135 13.93 -0.75 -0.76
C ASP A 135 13.27 -1.35 -2.00
N ILE A 136 13.10 -0.53 -3.03
CA ILE A 136 12.63 -1.01 -4.31
C ILE A 136 13.82 -1.60 -5.06
N ALA A 137 13.57 -2.32 -6.15
CA ALA A 137 14.66 -2.93 -6.88
C ALA A 137 15.59 -1.86 -7.44
N SER A 138 16.87 -2.23 -7.54
CA SER A 138 17.90 -1.40 -8.13
C SER A 138 18.90 -2.31 -8.83
N LYS A 139 19.79 -1.69 -9.62
CA LYS A 139 20.84 -2.46 -10.28
C LYS A 139 21.74 -3.16 -9.26
N GLU A 140 21.86 -2.60 -8.06
CA GLU A 140 22.66 -3.23 -7.03
C GLU A 140 21.95 -4.41 -6.36
N PHE A 141 20.61 -4.46 -6.46
CA PHE A 141 19.83 -5.46 -5.73
C PHE A 141 18.44 -5.55 -6.38
N GLY A 142 18.27 -6.50 -7.29
CA GLY A 142 17.07 -6.55 -8.11
C GLY A 142 15.97 -7.44 -7.52
N SER A 143 14.90 -7.57 -8.30
CA SER A 143 13.76 -8.40 -7.93
C SER A 143 14.17 -9.85 -7.74
N GLY A 144 13.44 -10.54 -6.86
CA GLY A 144 13.63 -11.98 -6.72
C GLY A 144 12.97 -12.82 -7.80
N PHE A 145 12.07 -12.21 -8.57
CA PHE A 145 11.47 -12.86 -9.74
C PHE A 145 12.29 -12.59 -11.00
N PRO A 146 12.18 -13.46 -12.00
CA PRO A 146 12.87 -13.20 -13.27
C PRO A 146 12.29 -11.98 -13.94
N VAL A 147 13.18 -11.17 -14.51
CA VAL A 147 12.82 -10.01 -15.31
C VAL A 147 13.59 -10.08 -16.62
N ARG A 148 13.14 -9.30 -17.60
CA ARG A 148 13.79 -9.27 -18.91
C ARG A 148 14.97 -8.30 -18.90
N ASP A 149 16.13 -8.77 -19.37
CA ASP A 149 17.35 -7.98 -19.39
C ASP A 149 18.24 -8.46 -20.53
N GLY A 150 18.80 -7.51 -21.28
CA GLY A 150 19.72 -7.84 -22.36
C GLY A 150 21.18 -7.54 -22.06
N ILE A 152 21.42 -10.54 -20.04
CA ILE A 152 21.68 -11.84 -19.45
C ILE A 152 20.71 -12.88 -20.05
N LYS A 153 21.22 -14.08 -20.35
CA LYS A 153 20.37 -15.17 -20.81
C LYS A 153 19.70 -15.85 -19.62
N LEU A 154 18.41 -16.07 -19.74
CA LEU A 154 17.65 -16.76 -18.70
C LEU A 154 17.51 -18.25 -19.03
N SER A 155 17.51 -19.07 -17.98
CA SER A 155 17.16 -20.47 -18.14
C SER A 155 15.72 -20.58 -18.65
N PRO A 156 15.37 -21.70 -19.31
CA PRO A 156 13.95 -21.91 -19.64
C PRO A 156 13.03 -21.85 -18.42
N GLU A 157 13.52 -22.26 -17.24
CA GLU A 157 12.71 -22.20 -16.03
C GLU A 157 12.44 -20.77 -15.58
N GLU A 158 13.45 -19.89 -15.67
CA GLU A 158 13.20 -18.46 -15.46
C GLU A 158 12.23 -17.91 -16.50
N GLU A 159 12.34 -18.40 -17.74
CA GLU A 159 11.45 -17.90 -18.79
C GLU A 159 10.01 -18.29 -18.51
N GLU A 160 9.79 -19.48 -17.92
CA GLU A 160 8.45 -19.92 -17.54
C GLU A 160 7.72 -18.91 -16.67
N TYR A 161 8.45 -18.18 -15.82
CA TYR A 161 7.82 -17.34 -14.81
C TYR A 161 7.87 -15.86 -15.18
N LEU A 162 8.33 -15.54 -16.39
CA LEU A 162 8.46 -14.14 -16.77
C LEU A 162 7.12 -13.43 -16.77
N ASP A 163 6.09 -14.10 -17.29
CA ASP A 163 4.81 -13.48 -17.55
C ASP A 163 3.74 -13.96 -16.59
N SER A 164 4.13 -14.72 -15.56
CA SER A 164 3.17 -15.16 -14.56
C SER A 164 2.48 -13.97 -13.92
N GLY A 165 1.17 -14.10 -13.73
CA GLY A 165 0.44 -13.11 -12.96
C GLY A 165 0.92 -13.00 -11.53
N TRP A 166 1.53 -14.07 -10.99
CA TRP A 166 2.05 -14.05 -9.61
C TRP A 166 3.51 -13.61 -9.54
N ASN A 167 4.16 -13.38 -10.67
CA ASN A 167 5.43 -12.66 -10.66
C ASN A 167 5.12 -11.20 -10.32
N LEU A 168 5.52 -10.76 -9.14
CA LEU A 168 5.02 -9.49 -8.65
C LEU A 168 5.53 -8.30 -9.45
N ASN A 169 6.62 -8.47 -10.21
CA ASN A 169 7.04 -7.39 -11.10
C ASN A 169 5.98 -7.08 -12.15
N ASN A 170 5.15 -8.05 -12.50
CA ASN A 170 4.11 -7.82 -13.49
C ASN A 170 2.96 -6.99 -12.95
N MET A 171 2.88 -6.79 -11.63
CA MET A 171 1.74 -6.11 -11.03
C MET A 171 1.59 -4.66 -11.47
N PRO A 172 2.65 -3.80 -11.47
CA PRO A 172 2.44 -2.40 -11.86
C PRO A 172 2.15 -2.18 -13.35
N VAL A 173 1.97 -3.26 -14.11
CA VAL A 173 1.69 -3.14 -15.53
C VAL A 173 0.54 -4.06 -15.96
N MET A 174 -0.11 -4.71 -15.01
CA MET A 174 -1.16 -5.65 -15.41
C MET A 174 -2.50 -4.94 -15.53
N GLU A 175 -3.27 -5.34 -16.54
CA GLU A 175 -4.45 -4.59 -16.97
C GLU A 175 -5.41 -4.34 -15.80
N GLN A 176 -5.64 -5.38 -14.98
CA GLN A 176 -6.71 -5.33 -13.99
C GLN A 176 -6.31 -4.61 -12.70
N SER A 177 -5.06 -4.14 -12.57
CA SER A 177 -4.73 -3.19 -11.52
C SER A 177 -4.82 -1.79 -12.10
N VAL A 178 -5.83 -1.05 -11.66
CA VAL A 178 -6.02 0.29 -12.18
C VAL A 178 -4.82 1.17 -11.86
N LEU A 179 -4.04 0.83 -10.83
CA LEU A 179 -2.78 1.53 -10.57
C LEU A 179 -1.86 1.52 -11.78
N ALA A 180 -1.94 0.48 -12.62
CA ALA A 180 -1.08 0.42 -13.80
C ALA A 180 -1.39 1.51 -14.82
N HIS A 181 -2.62 2.02 -14.80
N HIS A 181 -2.60 2.05 -14.87
CA HIS A 181 -3.04 3.07 -15.73
CA HIS A 181 -2.86 3.10 -15.84
C HIS A 181 -2.47 4.43 -15.35
C HIS A 181 -2.77 4.50 -15.24
N ILE A 182 -2.15 4.63 -14.07
CA ILE A 182 -1.65 5.92 -13.59
C ILE A 182 -0.35 6.23 -14.32
N THR A 183 -0.31 7.37 -15.01
CA THR A 183 0.87 7.72 -15.78
C THR A 183 1.94 8.34 -14.89
N ALA A 184 1.53 9.08 -13.86
CA ALA A 184 2.46 9.63 -12.89
C ALA A 184 3.41 8.56 -12.37
N ASP A 185 4.69 8.94 -12.25
CA ASP A 185 5.69 8.05 -11.66
C ASP A 185 5.54 8.15 -10.15
N ILE A 186 4.92 7.12 -9.57
CA ILE A 186 4.72 7.02 -8.13
C ILE A 186 5.46 5.77 -7.66
N CYS A 187 6.79 5.80 -7.79
CA CYS A 187 7.59 4.58 -7.73
C CYS A 187 7.47 3.87 -6.38
N GLY A 188 7.48 4.65 -5.29
CA GLY A 188 7.36 4.07 -3.96
C GLY A 188 6.08 3.27 -3.77
N MET A 189 5.01 3.67 -4.44
CA MET A 189 3.74 2.98 -4.26
C MET A 189 3.51 1.84 -5.25
N LYS A 190 3.89 2.00 -6.50
CA LYS A 190 3.52 1.02 -7.52
C LYS A 190 4.56 -0.07 -7.74
N LEU A 191 5.81 0.14 -7.39
CA LEU A 191 6.78 -0.89 -7.70
C LEU A 191 6.99 -1.82 -6.51
N PRO A 192 7.43 -3.05 -6.75
CA PRO A 192 7.64 -4.00 -5.66
C PRO A 192 8.70 -3.51 -4.67
N TRP A 193 8.46 -3.77 -3.39
CA TRP A 193 9.48 -3.57 -2.37
C TRP A 193 10.18 -4.90 -2.07
N LEU A 194 11.49 -4.81 -1.80
CA LEU A 194 12.31 -5.93 -1.35
C LEU A 194 12.60 -5.81 0.13
N TYR A 195 12.39 -6.90 0.87
CA TYR A 195 12.51 -6.90 2.33
C TYR A 195 13.50 -7.99 2.71
N VAL A 196 14.65 -7.59 3.26
CA VAL A 196 15.60 -8.55 3.79
C VAL A 196 15.45 -8.54 5.32
N GLY A 197 15.03 -9.67 5.89
CA GLY A 197 14.73 -9.74 7.31
C GLY A 197 15.83 -10.43 8.13
N MET A 198 15.84 -10.11 9.42
CA MET A 198 16.53 -10.90 10.44
C MET A 198 15.56 -11.08 11.61
N CYS A 199 15.94 -11.97 12.53
CA CYS A 199 15.11 -12.27 13.68
C CYS A 199 14.71 -11.01 14.43
N PHE A 200 13.40 -10.84 14.64
CA PHE A 200 12.78 -9.75 15.40
C PHE A 200 12.67 -8.45 14.60
N SER A 201 13.28 -8.34 13.41
CA SER A 201 13.03 -7.16 12.59
C SER A 201 11.54 -7.10 12.28
N SER A 202 10.98 -5.90 12.27
CA SER A 202 9.54 -5.79 12.48
C SER A 202 8.90 -4.73 11.60
N PHE A 203 7.68 -4.99 11.15
CA PHE A 203 6.90 -3.98 10.46
C PHE A 203 5.74 -3.57 11.37
N CYS A 204 5.60 -2.26 11.58
CA CYS A 204 4.62 -1.70 12.51
C CYS A 204 3.23 -1.74 11.91
N TRP A 205 2.22 -1.59 12.77
CA TRP A 205 0.84 -1.59 12.29
C TRP A 205 0.64 -0.49 11.25
N HIS A 206 0.04 -0.85 10.11
CA HIS A 206 -0.24 0.12 9.07
C HIS A 206 -1.27 -0.44 8.10
N ILE A 207 -1.87 0.46 7.33
CA ILE A 207 -2.58 0.12 6.11
C ILE A 207 -1.82 0.71 4.94
N GLU A 208 -2.13 0.23 3.73
CA GLU A 208 -1.42 0.72 2.56
C GLU A 208 -1.99 2.07 2.12
N ASP A 209 -1.14 2.85 1.44
CA ASP A 209 -1.56 4.12 0.84
C ASP A 209 -2.76 3.90 -0.08
N HIS A 210 -3.74 4.82 0.00
CA HIS A 210 -4.99 4.77 -0.76
C HIS A 210 -5.78 3.48 -0.49
N TRP A 211 -5.52 2.84 0.66
CA TRP A 211 -6.24 1.63 1.06
C TRP A 211 -6.13 0.52 0.01
N SER A 212 -4.99 0.46 -0.66
CA SER A 212 -4.80 -0.55 -1.69
C SER A 212 -4.67 -1.94 -1.07
N TYR A 213 -4.91 -2.96 -1.89
CA TYR A 213 -4.46 -4.30 -1.57
C TYR A 213 -2.94 -4.34 -1.52
N SER A 214 -2.40 -5.37 -0.84
CA SER A 214 -0.99 -5.72 -1.03
C SER A 214 -0.86 -7.23 -1.13
N ILE A 215 0.22 -7.67 -1.76
CA ILE A 215 0.55 -9.07 -1.86
C ILE A 215 2.04 -9.20 -1.63
N ASN A 216 2.42 -10.23 -0.88
CA ASN A 216 3.76 -10.42 -0.35
C ASN A 216 4.17 -11.86 -0.61
N TYR A 217 5.34 -12.05 -1.18
CA TYR A 217 5.87 -13.38 -1.46
C TYR A 217 7.19 -13.55 -0.73
N LEU A 218 7.31 -14.65 0.03
CA LEU A 218 8.55 -14.97 0.72
C LEU A 218 9.41 -15.83 -0.19
N HIS A 219 10.48 -15.27 -0.73
CA HIS A 219 11.28 -16.02 -1.69
C HIS A 219 12.02 -17.16 -1.01
N TRP A 220 12.66 -16.89 0.13
CA TRP A 220 13.41 -17.91 0.84
C TRP A 220 13.69 -17.46 2.27
N GLY A 221 14.06 -18.41 3.11
CA GLY A 221 14.50 -18.13 4.47
C GLY A 221 13.47 -18.57 5.51
N GLU A 222 13.72 -18.10 6.72
CA GLU A 222 12.86 -18.41 7.84
C GLU A 222 11.56 -17.61 7.74
N PRO A 223 10.53 -18.04 8.46
CA PRO A 223 9.18 -17.53 8.18
C PRO A 223 9.01 -16.07 8.61
N LYS A 224 7.94 -15.48 8.10
CA LYS A 224 7.53 -14.12 8.46
C LYS A 224 6.21 -14.25 9.22
N THR A 225 6.17 -13.71 10.44
CA THR A 225 4.96 -13.78 11.26
C THR A 225 4.12 -12.53 11.06
N TRP A 226 2.82 -12.73 10.79
CA TRP A 226 1.89 -11.65 10.49
C TRP A 226 0.75 -11.56 11.50
N TYR A 227 0.31 -10.33 11.76
CA TYR A 227 -0.98 -10.06 12.39
C TYR A 227 -1.81 -9.22 11.43
N GLY A 228 -3.10 -9.50 11.34
CA GLY A 228 -3.98 -8.78 10.43
C GLY A 228 -5.31 -8.48 11.09
N VAL A 229 -5.91 -7.37 10.67
CA VAL A 229 -7.20 -6.91 11.16
C VAL A 229 -8.09 -6.61 9.94
N PRO A 230 -9.32 -7.08 9.90
CA PRO A 230 -10.16 -6.81 8.72
C PRO A 230 -10.44 -5.32 8.55
N GLY A 231 -10.62 -4.92 7.28
CA GLY A 231 -10.89 -3.53 6.96
C GLY A 231 -12.05 -2.92 7.73
N TYR A 232 -13.10 -3.71 8.01
CA TYR A 232 -14.22 -3.16 8.75
C TYR A 232 -13.86 -2.75 10.18
N ALA A 233 -12.76 -3.25 10.74
CA ALA A 233 -12.39 -2.90 12.11
C ALA A 233 -11.28 -1.85 12.16
N ALA A 234 -11.02 -1.17 11.04
CA ALA A 234 -9.90 -0.24 10.95
C ALA A 234 -10.01 0.90 11.94
N GLU A 235 -11.18 1.53 12.02
CA GLU A 235 -11.33 2.67 12.93
C GLU A 235 -11.34 2.22 14.39
N GLN A 236 -11.97 1.08 14.65
CA GLN A 236 -11.88 0.44 15.96
C GLN A 236 -10.43 0.33 16.41
N LEU A 237 -9.56 -0.16 15.53
CA LEU A 237 -8.16 -0.30 15.89
C LEU A 237 -7.52 1.07 16.13
N GLU A 238 -7.80 2.03 15.24
CA GLU A 238 -7.23 3.36 15.39
C GLU A 238 -7.64 4.01 16.71
N ASN A 239 -8.91 3.86 17.10
CA ASN A 239 -9.35 4.39 18.39
C ASN A 239 -8.60 3.76 19.54
N VAL A 240 -8.33 2.45 19.46
CA VAL A 240 -7.55 1.80 20.52
C VAL A 240 -6.16 2.41 20.60
N MET A 241 -5.54 2.67 19.45
CA MET A 241 -4.16 3.18 19.45
C MET A 241 -4.12 4.64 19.87
N LYS A 242 -5.08 5.44 19.40
CA LYS A 242 -5.21 6.82 19.88
C LYS A 242 -5.22 6.89 21.41
N LYS A 243 -5.96 5.99 22.06
CA LYS A 243 -6.04 6.02 23.52
C LYS A 243 -4.69 5.68 24.16
N LEU A 244 -4.03 4.64 23.65
CA LEU A 244 -2.84 4.12 24.31
C LEU A 244 -1.56 4.83 23.89
N ALA A 245 -1.52 5.42 22.69
CA ALA A 245 -0.30 6.03 22.16
C ALA A 245 -0.67 7.32 21.44
N PRO A 246 -1.13 8.33 22.18
CA PRO A 246 -1.68 9.54 21.54
C PRO A 246 -0.62 10.33 20.78
N GLU A 247 0.64 10.21 21.19
CA GLU A 247 1.73 10.91 20.51
C GLU A 247 1.85 10.53 19.04
N LEU A 248 1.35 9.37 18.62
CA LEU A 248 1.43 8.94 17.23
C LEU A 248 0.43 9.63 16.33
N PHE A 249 -0.42 10.50 16.88
CA PHE A 249 -1.51 11.08 16.11
C PHE A 249 -1.38 12.59 15.92
N VAL A 250 -0.23 13.16 16.25
CA VAL A 250 0.05 14.56 15.98
C VAL A 250 0.10 14.79 14.47
N SER A 251 -0.61 15.83 14.00
CA SER A 251 -0.67 16.14 12.56
C SER A 251 0.72 16.20 11.95
N GLN A 252 0.91 15.50 10.81
CA GLN A 252 2.25 15.28 10.30
C GLN A 252 2.53 16.15 9.06
N PRO A 253 3.76 16.67 8.94
CA PRO A 253 4.07 17.56 7.81
C PRO A 253 4.16 16.86 6.46
N ASP A 254 4.58 15.59 6.42
CA ASP A 254 4.78 14.88 5.16
C ASP A 254 4.23 13.47 5.27
N LEU A 255 4.01 12.85 4.09
CA LEU A 255 3.64 11.45 4.05
C LEU A 255 4.77 10.57 4.59
N LEU A 256 6.02 10.96 4.31
CA LEU A 256 7.19 10.28 4.85
C LEU A 256 7.45 10.63 6.32
N HIS A 257 6.50 11.28 6.98
CA HIS A 257 6.65 11.63 8.39
C HIS A 257 5.54 11.06 9.27
N GLN A 258 4.60 10.30 8.70
CA GLN A 258 3.57 9.67 9.51
C GLN A 258 4.19 8.68 10.48
N LEU A 259 3.64 8.63 11.70
CA LEU A 259 4.18 7.79 12.75
C LEU A 259 3.40 6.47 12.88
N VAL A 260 4.13 5.38 13.11
CA VAL A 260 3.55 4.04 13.28
C VAL A 260 4.25 3.37 14.46
N THR A 261 3.74 2.20 14.86
CA THR A 261 4.31 1.60 16.07
C THR A 261 4.03 0.11 16.13
N ILE A 262 4.76 -0.54 17.03
CA ILE A 262 4.57 -1.93 17.42
C ILE A 262 3.54 -1.98 18.53
N MET A 263 2.54 -2.85 18.40
CA MET A 263 1.58 -3.00 19.49
C MET A 263 1.11 -4.45 19.56
N ASN A 264 1.18 -5.01 20.76
CA ASN A 264 0.77 -6.37 21.05
C ASN A 264 -0.65 -6.62 20.55
N PRO A 265 -0.89 -7.63 19.72
CA PRO A 265 -2.27 -7.89 19.28
C PRO A 265 -3.20 -8.25 20.43
N ASN A 266 -2.69 -8.87 21.52
CA ASN A 266 -3.54 -9.11 22.69
C ASN A 266 -4.16 -7.84 23.22
N THR A 267 -3.44 -6.72 23.13
CA THR A 267 -4.03 -5.44 23.54
C THR A 267 -5.22 -5.09 22.66
N LEU A 268 -5.09 -5.31 21.35
CA LEU A 268 -6.23 -5.05 20.47
C LEU A 268 -7.37 -6.02 20.76
N MET A 269 -7.05 -7.32 20.96
CA MET A 269 -8.11 -8.29 21.26
C MET A 269 -8.81 -7.96 22.55
N THR A 270 -8.06 -7.55 23.57
CA THR A 270 -8.67 -7.10 24.81
C THR A 270 -9.72 -6.02 24.55
N HIS A 271 -9.46 -5.15 23.58
CA HIS A 271 -10.40 -4.08 23.28
C HIS A 271 -11.36 -4.44 22.18
N GLU A 272 -11.62 -5.75 21.99
CA GLU A 272 -12.64 -6.26 21.07
C GLU A 272 -12.32 -6.00 19.59
N VAL A 273 -11.06 -5.80 19.24
CA VAL A 273 -10.65 -5.70 17.84
C VAL A 273 -10.31 -7.10 17.34
N PRO A 274 -10.95 -7.58 16.29
CA PRO A 274 -10.58 -8.91 15.75
C PRO A 274 -9.19 -8.87 15.13
N VAL A 275 -8.35 -9.84 15.53
CA VAL A 275 -7.00 -9.97 15.01
C VAL A 275 -6.79 -11.42 14.61
N TYR A 276 -6.08 -11.65 13.51
CA TYR A 276 -5.71 -12.96 13.03
C TYR A 276 -4.20 -13.01 12.81
N ARG A 277 -3.65 -14.22 12.83
CA ARG A 277 -2.21 -14.39 12.68
C ARG A 277 -1.90 -15.41 11.59
N THR A 278 -0.65 -15.39 11.13
CA THR A 278 -0.14 -16.49 10.34
C THR A 278 1.39 -16.45 10.36
N ASN A 279 2.00 -17.62 10.15
CA ASN A 279 3.41 -17.77 9.81
C ASN A 279 3.53 -18.00 8.31
N GLN A 280 4.09 -17.03 7.60
CA GLN A 280 4.30 -17.17 6.17
C GLN A 280 5.64 -17.86 5.96
N CYS A 281 5.61 -19.01 5.30
CA CYS A 281 6.83 -19.75 5.01
C CYS A 281 7.28 -19.49 3.57
N ALA A 282 8.54 -19.85 3.30
CA ALA A 282 9.13 -19.65 1.98
C ALA A 282 8.26 -20.30 0.91
N GLY A 283 8.02 -19.58 -0.18
CA GLY A 283 7.15 -20.08 -1.24
C GLY A 283 5.69 -19.75 -1.04
N GLU A 284 5.33 -19.04 0.01
CA GLU A 284 3.93 -18.71 0.26
C GLU A 284 3.68 -17.22 0.09
N PHE A 285 2.46 -16.88 -0.31
CA PHE A 285 1.99 -15.51 -0.44
C PHE A 285 1.11 -15.16 0.74
N VAL A 286 1.16 -13.88 1.15
CA VAL A 286 0.18 -13.26 2.03
C VAL A 286 -0.46 -12.11 1.26
N ILE A 287 -1.78 -12.04 1.28
CA ILE A 287 -2.53 -10.95 0.66
C ILE A 287 -3.19 -10.15 1.76
N THR A 288 -3.03 -8.83 1.71
CA THR A 288 -3.77 -7.94 2.60
C THR A 288 -4.84 -7.22 1.78
N PHE A 289 -6.00 -7.04 2.39
CA PHE A 289 -7.15 -6.48 1.70
C PHE A 289 -7.30 -5.00 2.01
N PRO A 290 -8.12 -4.29 1.24
CA PRO A 290 -8.21 -2.84 1.41
C PRO A 290 -8.50 -2.44 2.84
N ARG A 291 -7.64 -1.58 3.38
N ARG A 291 -7.66 -1.54 3.37
CA ARG A 291 -7.78 -1.00 4.71
CA ARG A 291 -7.82 -0.99 4.71
C ARG A 291 -7.58 -2.01 5.83
C ARG A 291 -7.68 -2.05 5.81
N ALA A 292 -6.99 -3.15 5.54
CA ALA A 292 -6.71 -4.16 6.57
C ALA A 292 -5.39 -3.82 7.25
N TYR A 293 -5.45 -3.40 8.52
CA TYR A 293 -4.23 -3.18 9.28
C TYR A 293 -3.43 -4.47 9.39
N HIS A 294 -2.10 -4.33 9.34
CA HIS A 294 -1.26 -5.50 9.54
C HIS A 294 0.07 -5.05 10.12
N SER A 295 0.72 -5.97 10.84
CA SER A 295 2.06 -5.80 11.40
C SER A 295 2.67 -7.18 11.50
N GLY A 296 3.92 -7.26 11.93
CA GLY A 296 4.55 -8.57 12.10
C GLY A 296 6.04 -8.47 12.31
N PHE A 297 6.69 -9.61 12.20
CA PHE A 297 8.13 -9.63 12.37
C PHE A 297 8.68 -10.86 11.70
N ASN A 298 9.98 -10.86 11.49
CA ASN A 298 10.67 -11.95 10.83
C ASN A 298 11.25 -12.91 11.85
N GLN A 299 11.08 -14.21 11.60
CA GLN A 299 11.62 -15.22 12.49
C GLN A 299 13.14 -15.33 12.41
N GLY A 300 13.73 -14.92 11.30
CA GLY A 300 15.17 -14.94 11.15
C GLY A 300 15.49 -14.46 9.76
N PHE A 301 16.63 -14.89 9.21
CA PHE A 301 17.12 -14.38 7.93
C PHE A 301 16.18 -14.78 6.79
N ASN A 302 15.68 -13.80 6.04
CA ASN A 302 14.79 -14.13 4.95
C ASN A 302 14.73 -13.00 3.92
N PHE A 303 14.02 -13.27 2.82
CA PHE A 303 13.93 -12.34 1.71
C PHE A 303 12.53 -12.39 1.12
N ALA A 304 11.82 -11.27 1.17
CA ALA A 304 10.45 -11.16 0.69
C ALA A 304 10.35 -10.02 -0.30
N GLU A 305 9.28 -10.06 -1.10
CA GLU A 305 8.99 -9.09 -2.15
C GLU A 305 7.50 -8.86 -2.14
N ALA A 306 7.08 -7.58 -2.09
CA ALA A 306 5.68 -7.22 -1.93
C ALA A 306 5.32 -6.05 -2.82
N VAL A 307 4.06 -5.98 -3.23
CA VAL A 307 3.61 -4.90 -4.10
C VAL A 307 2.15 -4.61 -3.81
N ASN A 308 1.80 -3.33 -3.91
CA ASN A 308 0.42 -2.86 -3.85
C ASN A 308 -0.27 -3.11 -5.17
N PHE A 309 -1.58 -3.26 -5.10
CA PHE A 309 -2.37 -3.30 -6.32
C PHE A 309 -3.80 -2.90 -6.00
N CYS A 310 -4.56 -2.60 -7.06
CA CYS A 310 -5.92 -2.07 -6.95
C CYS A 310 -6.80 -2.72 -8.01
N THR A 311 -7.68 -3.62 -7.58
CA THR A 311 -8.70 -4.21 -8.45
C THR A 311 -9.89 -3.26 -8.60
N VAL A 312 -10.80 -3.61 -9.52
CA VAL A 312 -12.02 -2.82 -9.72
C VAL A 312 -12.87 -2.82 -8.45
N ASP A 313 -12.87 -3.95 -7.72
CA ASP A 313 -13.39 -4.02 -6.38
C ASP A 313 -13.09 -2.73 -5.61
N TRP A 314 -11.87 -2.25 -5.74
CA TRP A 314 -11.33 -1.27 -4.81
C TRP A 314 -11.78 0.16 -5.14
N LEU A 315 -12.18 0.43 -6.40
CA LEU A 315 -12.48 1.80 -6.83
C LEU A 315 -13.35 2.59 -5.86
N PRO A 316 -14.51 2.09 -5.40
CA PRO A 316 -15.29 2.87 -4.43
C PRO A 316 -14.50 3.16 -3.16
N LEU A 317 -13.72 2.19 -2.69
CA LEU A 317 -12.92 2.40 -1.49
C LEU A 317 -11.84 3.44 -1.73
N GLY A 318 -11.27 3.46 -2.93
CA GLY A 318 -10.29 4.48 -3.25
C GLY A 318 -10.88 5.88 -3.19
N ARG A 319 -12.14 6.03 -3.64
CA ARG A 319 -12.80 7.32 -3.51
C ARG A 319 -13.05 7.64 -2.03
N GLN A 320 -13.54 6.65 -1.28
N GLN A 320 -13.56 6.67 -1.27
CA GLN A 320 -13.76 6.82 0.16
CA GLN A 320 -13.75 6.93 0.16
C GLN A 320 -12.46 7.18 0.87
C GLN A 320 -12.43 7.27 0.84
N CYS A 321 -11.33 6.63 0.42
CA CYS A 321 -10.06 6.90 1.07
C CYS A 321 -9.62 8.35 0.91
N VAL A 322 -9.72 8.88 -0.30
CA VAL A 322 -9.28 10.26 -0.55
C VAL A 322 -10.15 11.25 0.21
N GLU A 323 -11.44 10.95 0.31
CA GLU A 323 -12.31 11.71 1.19
C GLU A 323 -11.77 11.69 2.62
N HIS A 324 -11.40 10.52 3.11
CA HIS A 324 -10.90 10.39 4.47
C HIS A 324 -9.57 11.13 4.66
N TYR A 325 -8.69 11.10 3.64
CA TYR A 325 -7.45 11.88 3.71
C TYR A 325 -7.75 13.37 3.84
N ARG A 326 -8.75 13.86 3.10
CA ARG A 326 -9.13 15.26 3.16
C ARG A 326 -9.54 15.64 4.59
N LEU A 327 -10.44 14.85 5.20
CA LEU A 327 -10.84 15.10 6.58
C LEU A 327 -9.63 15.18 7.50
N LEU A 328 -8.61 14.36 7.25
CA LEU A 328 -7.43 14.31 8.10
C LEU A 328 -6.35 15.31 7.70
N HIS A 329 -6.49 15.99 6.55
CA HIS A 329 -5.44 16.87 6.04
C HIS A 329 -4.16 16.09 5.72
N ARG A 330 -4.28 14.85 5.25
CA ARG A 330 -3.11 14.07 4.87
C ARG A 330 -2.90 14.14 3.34
N TYR A 331 -1.63 14.19 2.94
CA TYR A 331 -1.27 14.20 1.52
C TYR A 331 -1.71 12.91 0.82
N CYS A 332 -2.07 13.06 -0.46
CA CYS A 332 -2.37 11.91 -1.31
C CYS A 332 -1.11 11.48 -2.05
N VAL A 333 -1.08 10.22 -2.44
CA VAL A 333 0.02 9.77 -3.30
C VAL A 333 -0.26 10.11 -4.76
N PHE A 334 -1.53 10.05 -5.17
CA PHE A 334 -1.95 10.44 -6.51
C PHE A 334 -3.38 11.00 -6.42
N SER A 335 -3.85 11.59 -7.51
CA SER A 335 -5.24 12.00 -7.61
C SER A 335 -6.08 10.83 -8.10
N HIS A 336 -7.06 10.44 -7.29
CA HIS A 336 -8.01 9.40 -7.71
C HIS A 336 -8.84 9.85 -8.91
N ASP A 337 -9.34 11.09 -8.91
CA ASP A 337 -10.14 11.58 -10.04
C ASP A 337 -9.31 11.59 -11.32
N GLU A 338 -8.05 11.97 -11.21
CA GLU A 338 -7.20 12.00 -12.40
C GLU A 338 -7.05 10.59 -12.98
N MET A 339 -6.93 9.59 -12.12
CA MET A 339 -6.82 8.21 -12.61
C MET A 339 -8.11 7.77 -13.28
N ILE A 340 -9.28 8.12 -12.70
CA ILE A 340 -10.57 7.81 -13.30
C ILE A 340 -10.66 8.40 -14.71
N CYS A 341 -10.33 9.70 -14.85
CA CYS A 341 -10.44 10.34 -16.15
C CYS A 341 -9.44 9.79 -17.14
N LYS A 342 -8.26 9.39 -16.67
CA LYS A 342 -7.31 8.76 -17.56
C LYS A 342 -7.89 7.47 -18.14
N MET A 343 -8.47 6.63 -17.27
CA MET A 343 -9.12 5.42 -17.77
C MET A 343 -10.27 5.75 -18.72
N ALA A 344 -11.07 6.77 -18.40
CA ALA A 344 -12.16 7.14 -19.29
C ALA A 344 -11.64 7.51 -20.66
N SER A 345 -10.55 8.28 -20.70
CA SER A 345 -9.96 8.65 -21.98
C SER A 345 -9.43 7.44 -22.73
N LYS A 346 -9.22 6.31 -22.07
CA LYS A 346 -8.76 5.10 -22.74
C LYS A 346 -9.88 4.07 -22.86
N ALA A 347 -11.14 4.52 -22.88
CA ALA A 347 -12.26 3.60 -22.74
C ALA A 347 -12.25 2.54 -23.84
N ASP A 348 -11.94 2.94 -25.09
CA ASP A 348 -11.95 1.99 -26.21
C ASP A 348 -11.06 0.78 -25.95
N VAL A 349 -10.04 0.95 -25.10
CA VAL A 349 -9.04 -0.09 -24.86
C VAL A 349 -9.25 -0.82 -23.51
N LEU A 350 -10.18 -0.36 -22.68
CA LEU A 350 -10.33 -0.95 -21.35
C LEU A 350 -11.00 -2.32 -21.41
N ASP A 351 -10.63 -3.16 -20.45
CA ASP A 351 -11.40 -4.37 -20.22
C ASP A 351 -12.84 -4.00 -19.91
N VAL A 352 -13.78 -4.81 -20.41
CA VAL A 352 -15.20 -4.44 -20.38
C VAL A 352 -15.75 -4.37 -18.95
N VAL A 353 -15.28 -5.24 -18.06
CA VAL A 353 -15.74 -5.17 -16.67
C VAL A 353 -15.15 -3.94 -15.98
N VAL A 354 -13.88 -3.65 -16.27
CA VAL A 354 -13.25 -2.44 -15.75
C VAL A 354 -14.03 -1.21 -16.19
N ALA A 355 -14.43 -1.15 -17.46
CA ALA A 355 -15.16 0.02 -17.96
C ALA A 355 -16.45 0.23 -17.20
N SER A 356 -17.16 -0.88 -16.91
CA SER A 356 -18.42 -0.77 -16.19
C SER A 356 -18.22 -0.22 -14.79
N THR A 357 -17.18 -0.66 -14.10
CA THR A 357 -16.94 -0.20 -12.73
C THR A 357 -16.41 1.23 -12.71
N VAL A 358 -15.50 1.57 -13.62
CA VAL A 358 -15.03 2.95 -13.71
C VAL A 358 -16.20 3.87 -13.99
N GLN A 359 -17.11 3.44 -14.87
CA GLN A 359 -18.25 4.28 -15.22
C GLN A 359 -19.08 4.63 -13.98
N LYS A 360 -19.28 3.67 -13.10
CA LYS A 360 -20.05 3.90 -11.87
C LYS A 360 -19.36 4.89 -10.95
N ASP A 361 -18.05 4.78 -10.78
CA ASP A 361 -17.31 5.76 -9.99
C ASP A 361 -17.36 7.13 -10.64
N MET A 362 -17.27 7.18 -11.97
CA MET A 362 -17.28 8.46 -12.66
C MET A 362 -18.61 9.19 -12.47
N ALA A 363 -19.73 8.45 -12.46
CA ALA A 363 -21.03 9.07 -12.25
C ALA A 363 -21.10 9.75 -10.87
N ILE A 364 -20.58 9.09 -9.84
CA ILE A 364 -20.51 9.73 -8.53
C ILE A 364 -19.63 10.96 -8.59
N MET A 365 -18.47 10.85 -9.24
CA MET A 365 -17.57 11.98 -9.33
C MET A 365 -18.25 13.18 -9.98
N ILE A 366 -19.02 12.93 -11.05
CA ILE A 366 -19.59 14.05 -11.79
C ILE A 366 -20.70 14.71 -10.99
N GLU A 367 -21.55 13.92 -10.35
CA GLU A 367 -22.58 14.49 -9.49
C GLU A 367 -21.97 15.27 -8.34
N ASP A 368 -20.97 14.71 -7.66
CA ASP A 368 -20.33 15.45 -6.58
C ASP A 368 -19.74 16.76 -7.09
N GLU A 369 -19.15 16.72 -8.29
CA GLU A 369 -18.49 17.90 -8.83
C GLU A 369 -19.51 18.97 -9.23
N LYS A 370 -20.63 18.54 -9.80
CA LYS A 370 -21.70 19.50 -10.13
C LYS A 370 -22.17 20.24 -8.87
N ALA A 371 -22.36 19.52 -7.78
CA ALA A 371 -22.88 20.16 -6.57
C ALA A 371 -21.86 21.14 -6.00
N LEU A 372 -20.58 20.76 -6.01
CA LEU A 372 -19.53 21.64 -5.47
C LEU A 372 -19.40 22.92 -6.30
N ARG A 373 -19.51 22.81 -7.63
CA ARG A 373 -19.38 24.01 -8.46
C ARG A 373 -20.57 24.94 -8.24
N GLU A 374 -21.75 24.39 -8.00
CA GLU A 374 -22.91 25.22 -7.68
C GLU A 374 -22.72 25.93 -6.34
N THR A 375 -22.13 25.23 -5.37
CA THR A 375 -21.86 25.86 -4.08
C THR A 375 -20.87 27.02 -4.21
N VAL A 376 -19.77 26.83 -4.95
CA VAL A 376 -18.81 27.93 -5.03
C VAL A 376 -19.34 29.07 -5.91
N ARG A 377 -20.15 28.77 -6.94
CA ARG A 377 -20.80 29.87 -7.67
C ARG A 377 -21.68 30.72 -6.74
N LYS A 378 -22.41 30.08 -5.82
CA LYS A 378 -23.24 30.85 -4.89
C LYS A 378 -22.42 31.60 -3.84
N LEU A 379 -21.12 31.28 -3.72
CA LEU A 379 -20.25 32.07 -2.89
C LEU A 379 -19.66 33.27 -3.63
N GLY A 380 -20.06 33.48 -4.88
CA GLY A 380 -19.63 34.65 -5.61
C GLY A 380 -18.43 34.43 -6.52
N VAL A 381 -17.97 33.18 -6.67
CA VAL A 381 -16.89 32.87 -7.61
C VAL A 381 -17.50 32.81 -8.99
N ILE A 382 -17.15 33.78 -9.83
CA ILE A 382 -17.78 33.92 -11.13
C ILE A 382 -16.79 33.64 -12.26
N ASP A 383 -15.60 34.21 -12.18
CA ASP A 383 -14.59 33.99 -13.20
C ASP A 383 -14.13 32.53 -13.15
N SER A 384 -13.67 32.02 -14.30
CA SER A 384 -13.26 30.63 -14.40
C SER A 384 -12.34 30.48 -15.61
N GLU A 385 -11.47 29.46 -15.56
CA GLU A 385 -10.59 29.15 -16.68
C GLU A 385 -10.19 27.69 -16.59
N ARG A 386 -10.22 27.00 -17.71
CA ARG A 386 -9.74 25.63 -17.77
C ARG A 386 -8.29 25.59 -17.31
N MET A 387 -7.92 24.52 -16.61
CA MET A 387 -6.54 24.34 -16.19
C MET A 387 -6.18 22.86 -16.27
N ASP A 388 -5.04 22.55 -16.91
CA ASP A 388 -4.53 21.17 -17.03
C ASP A 388 -3.77 20.79 -15.76
N PHE A 389 -4.54 20.46 -14.72
CA PHE A 389 -3.93 20.14 -13.43
C PHE A 389 -2.89 19.05 -13.56
N GLU A 390 -3.07 18.10 -14.49
CA GLU A 390 -2.15 16.96 -14.52
C GLU A 390 -0.75 17.40 -14.91
N LEU A 391 -0.58 18.60 -15.46
CA LEU A 391 0.76 19.08 -15.76
C LEU A 391 1.49 19.67 -14.55
N LEU A 392 0.79 19.94 -13.46
CA LEU A 392 1.46 20.54 -12.29
C LEU A 392 2.11 19.46 -11.45
N PRO A 393 3.35 19.67 -11.02
CA PRO A 393 3.89 18.84 -9.94
C PRO A 393 2.90 18.81 -8.78
N ASP A 394 2.81 17.65 -8.13
CA ASP A 394 1.80 17.43 -7.09
C ASP A 394 1.84 18.53 -6.02
N ASP A 395 3.03 18.96 -5.62
CA ASP A 395 3.10 19.94 -4.56
C ASP A 395 2.73 21.35 -5.02
N GLU A 396 2.52 21.55 -6.32
CA GLU A 396 1.99 22.82 -6.79
C GLU A 396 0.47 22.79 -6.94
N ARG A 397 -0.20 21.70 -6.58
CA ARG A 397 -1.65 21.65 -6.78
C ARG A 397 -2.34 20.98 -5.60
N GLN A 398 -1.85 21.25 -4.40
CA GLN A 398 -2.44 20.76 -3.18
C GLN A 398 -3.27 21.87 -2.53
N CYS A 399 -4.42 21.48 -2.03
CA CYS A 399 -5.24 22.40 -1.25
C CYS A 399 -4.46 22.90 -0.04
N VAL A 400 -4.33 24.22 0.06
CA VAL A 400 -3.67 24.84 1.20
C VAL A 400 -4.24 24.34 2.52
N LYS A 401 -5.55 24.09 2.57
CA LYS A 401 -6.15 23.70 3.84
C LYS A 401 -6.00 22.20 4.10
N CYS A 402 -6.47 21.36 3.17
CA CYS A 402 -6.62 19.94 3.47
C CYS A 402 -5.58 19.08 2.79
N LYS A 403 -4.69 19.68 1.96
CA LYS A 403 -3.57 19.03 1.29
C LYS A 403 -3.98 18.06 0.20
N THR A 404 -5.27 17.99 -0.14
CA THR A 404 -5.67 17.05 -1.17
C THR A 404 -5.06 17.48 -2.50
N THR A 405 -4.78 16.49 -3.35
CA THR A 405 -4.25 16.77 -4.68
C THR A 405 -5.42 17.11 -5.60
N CYS A 406 -5.42 18.33 -6.13
CA CYS A 406 -6.51 18.81 -6.97
C CYS A 406 -6.41 18.25 -8.39
N PHE A 407 -7.57 18.01 -9.01
CA PHE A 407 -7.59 17.65 -10.42
C PHE A 407 -8.85 18.11 -11.12
N MET A 408 -10.02 17.74 -10.59
CA MET A 408 -11.26 18.19 -11.21
C MET A 408 -11.35 19.72 -11.19
N SER A 409 -11.04 20.35 -10.07
CA SER A 409 -11.17 21.81 -9.96
C SER A 409 -10.46 22.32 -8.72
N ALA A 410 -10.21 23.63 -8.70
CA ALA A 410 -9.68 24.32 -7.55
C ALA A 410 -10.05 25.78 -7.67
N ILE A 411 -9.84 26.52 -6.58
CA ILE A 411 -10.06 27.95 -6.51
C ILE A 411 -8.70 28.63 -6.35
N SER A 412 -8.43 29.62 -7.19
CA SER A 412 -7.30 30.52 -7.02
C SER A 412 -7.84 31.91 -6.73
N CYS A 413 -6.94 32.80 -6.30
CA CYS A 413 -7.31 34.14 -5.87
C CYS A 413 -6.16 35.05 -6.27
N SER A 414 -6.47 36.16 -6.92
CA SER A 414 -5.39 37.03 -7.39
C SER A 414 -4.58 37.58 -6.22
N CYS A 415 -5.17 37.61 -5.02
CA CYS A 415 -4.48 38.17 -3.86
C CYS A 415 -3.49 37.21 -3.25
N LYS A 416 -3.55 35.92 -3.57
CA LYS A 416 -2.58 34.96 -3.04
C LYS A 416 -2.09 34.12 -4.21
N PRO A 417 -1.21 34.69 -5.03
CA PRO A 417 -0.82 34.00 -6.28
C PRO A 417 -0.13 32.68 -6.01
N GLY A 418 -0.44 31.68 -6.84
CA GLY A 418 0.16 30.38 -6.71
C GLY A 418 -0.50 29.45 -5.72
N LEU A 419 -1.39 29.94 -4.86
CA LEU A 419 -2.07 29.05 -3.93
C LEU A 419 -3.38 28.51 -4.50
N LEU A 420 -3.75 27.31 -4.07
CA LEU A 420 -5.00 26.69 -4.47
C LEU A 420 -5.71 26.13 -3.25
N VAL A 421 -7.05 26.14 -3.28
CA VAL A 421 -7.84 25.31 -2.38
C VAL A 421 -8.75 24.43 -3.23
N CYS A 422 -9.10 23.27 -2.68
CA CYS A 422 -10.15 22.47 -3.28
C CYS A 422 -11.50 23.15 -3.03
N LEU A 423 -12.56 22.62 -3.63
CA LEU A 423 -13.83 23.33 -3.58
C LEU A 423 -14.51 23.23 -2.23
N HIS A 424 -14.03 22.35 -1.32
CA HIS A 424 -14.53 22.32 0.05
C HIS A 424 -13.99 23.44 0.90
N HIS A 425 -12.90 24.08 0.47
CA HIS A 425 -12.16 25.00 1.32
C HIS A 425 -12.02 26.37 0.68
N VAL A 426 -13.05 26.76 -0.08
CA VAL A 426 -13.10 28.07 -0.73
C VAL A 426 -12.87 29.18 0.27
N LYS A 427 -13.41 29.05 1.50
CA LYS A 427 -13.31 30.12 2.47
C LYS A 427 -11.93 30.18 3.13
N GLU A 428 -11.00 29.31 2.74
CA GLU A 428 -9.70 29.20 3.41
C GLU A 428 -8.53 29.76 2.60
N LEU A 429 -8.79 30.44 1.49
CA LEU A 429 -7.71 30.78 0.57
C LEU A 429 -7.12 32.18 0.80
N CYS A 430 -7.98 33.21 0.82
CA CYS A 430 -7.55 34.60 0.87
C CYS A 430 -8.67 35.38 1.58
N SER A 431 -8.45 36.66 1.79
CA SER A 431 -9.49 37.47 2.41
C SER A 431 -10.09 38.46 1.43
N CYS A 432 -9.86 38.24 0.15
CA CYS A 432 -10.30 39.18 -0.85
C CYS A 432 -11.76 38.94 -1.20
N PRO A 433 -12.42 39.89 -1.84
CA PRO A 433 -13.82 39.71 -2.19
C PRO A 433 -14.00 38.61 -3.23
N PRO A 434 -15.18 37.99 -3.29
CA PRO A 434 -15.29 36.74 -4.04
C PRO A 434 -15.06 36.90 -5.54
N TYR A 435 -15.34 38.07 -6.10
CA TYR A 435 -15.15 38.25 -7.53
C TYR A 435 -13.67 38.22 -7.93
N LYS A 436 -12.75 38.30 -6.98
CA LYS A 436 -11.34 38.12 -7.29
C LYS A 436 -10.93 36.66 -7.29
N TYR A 437 -11.84 35.75 -6.98
CA TYR A 437 -11.51 34.35 -7.03
C TYR A 437 -11.72 33.84 -8.44
N LYS A 438 -11.10 32.71 -8.73
CA LYS A 438 -11.27 32.08 -10.04
C LYS A 438 -11.41 30.58 -9.83
N LEU A 439 -12.41 30.00 -10.49
CA LEU A 439 -12.56 28.55 -10.58
C LEU A 439 -11.63 28.02 -11.67
N ARG A 440 -10.67 27.19 -11.31
CA ARG A 440 -9.85 26.49 -12.29
C ARG A 440 -10.37 25.06 -12.41
N TYR A 441 -10.69 24.63 -13.63
CA TYR A 441 -11.35 23.33 -13.80
C TYR A 441 -10.68 22.53 -14.91
N ARG A 442 -10.62 21.20 -14.74
CA ARG A 442 -10.01 20.41 -15.81
C ARG A 442 -10.96 20.23 -17.00
N TYR A 443 -12.25 20.00 -16.73
CA TYR A 443 -13.24 19.69 -17.74
C TYR A 443 -14.53 20.44 -17.44
N THR A 444 -15.27 20.84 -18.49
CA THR A 444 -16.66 21.24 -18.30
C THR A 444 -17.51 19.99 -18.08
N LEU A 445 -18.63 20.18 -17.37
CA LEU A 445 -19.61 19.10 -17.27
C LEU A 445 -19.95 18.55 -18.66
N ASP A 446 -19.95 19.42 -19.68
CA ASP A 446 -20.23 18.95 -21.04
C ASP A 446 -19.08 18.12 -21.62
N ASP A 447 -17.84 18.35 -21.18
CA ASP A 447 -16.78 17.42 -21.55
C ASP A 447 -16.97 16.07 -20.85
N LEU A 448 -17.47 16.10 -19.62
CA LEU A 448 -17.41 14.91 -18.77
C LEU A 448 -18.43 13.86 -19.18
N TYR A 449 -19.65 14.28 -19.52
CA TYR A 449 -20.70 13.30 -19.81
C TYR A 449 -20.38 12.41 -21.01
N PRO A 450 -19.79 12.91 -22.11
CA PRO A 450 -19.38 12.00 -23.19
C PRO A 450 -18.25 11.04 -22.81
N MET A 451 -17.33 11.49 -21.95
CA MET A 451 -16.30 10.58 -21.43
C MET A 451 -16.95 9.42 -20.72
N MET A 452 -17.93 9.71 -19.86
CA MET A 452 -18.64 8.63 -19.18
C MET A 452 -19.43 7.77 -20.17
N ASN A 453 -20.08 8.41 -21.14
CA ASN A 453 -20.82 7.69 -22.18
C ASN A 453 -19.94 6.69 -22.93
N ALA A 454 -18.72 7.09 -23.27
CA ALA A 454 -17.81 6.17 -23.94
C ALA A 454 -17.54 4.94 -23.09
N LEU A 455 -17.49 5.09 -21.76
CA LEU A 455 -17.35 3.93 -20.88
C LEU A 455 -18.60 3.05 -20.91
N LYS A 456 -19.79 3.67 -20.92
CA LYS A 456 -21.02 2.88 -20.98
C LYS A 456 -21.05 2.05 -22.26
N LEU A 457 -20.76 2.69 -23.40
CA LEU A 457 -20.68 1.97 -24.67
C LEU A 457 -19.72 0.78 -24.58
N ARG A 458 -18.50 1.03 -24.09
CA ARG A 458 -17.51 -0.05 -24.00
C ARG A 458 -17.99 -1.16 -23.08
N ALA A 459 -18.71 -0.80 -22.00
CA ALA A 459 -19.18 -1.82 -21.06
C ALA A 459 -20.34 -2.63 -21.65
N GLU A 460 -21.31 -1.95 -22.28
CA GLU A 460 -22.51 -2.60 -22.78
C GLU A 460 -22.24 -3.54 -23.96
N SER A 461 -21.05 -3.47 -24.56
CA SER A 461 -20.70 -4.32 -25.69
C SER A 461 -20.53 -5.79 -25.26
ZN ZN B . -9.29 21.27 0.60
MN MN C . 12.34 -3.09 24.63
C1 EDO D . -10.62 18.08 -6.49
O1 EDO D . -9.86 18.80 -7.50
C2 EDO D . -11.12 16.69 -6.94
O2 EDO D . -10.37 16.07 -8.04
C1 EDO E . -13.26 -1.63 4.82
O1 EDO E . -14.11 -2.78 4.78
C2 EDO E . -14.03 -0.34 4.52
O2 EDO E . -13.48 0.75 5.25
C1 EDO F . 17.34 -3.48 0.17
O1 EDO F . 17.21 -3.55 -1.26
C2 EDO F . 16.96 -4.84 0.73
O2 EDO F . 15.56 -4.92 0.97
S DMS G . -5.58 6.24 7.11
O DMS G . -6.84 6.60 6.42
C1 DMS G . -4.07 6.84 6.27
C2 DMS G . -5.34 7.08 8.71
S DMS H . 4.31 -2.71 0.21
O DMS H . 5.09 -3.58 1.19
C1 DMS H . 4.94 -2.78 -1.48
C2 DMS H . 2.69 -3.39 -0.12
S DMS I . -11.71 21.36 7.86
O DMS I . -11.23 19.94 7.83
C1 DMS I . -13.20 21.51 6.83
C2 DMS I . -12.36 21.73 9.52
MN MN J . 2.05 -3.42 4.29
C16 B6W K . 5.99 -7.25 5.14
C15 B6W K . 4.74 -5.05 5.08
C14 B6W K . 5.89 -5.86 5.28
C13 B6W K . 7.13 -5.46 5.73
C10 B6W K . 7.22 0.25 9.12
C12 B6W K . 9.15 -1.62 6.40
N B6W K . 9.95 -1.15 8.31
C B6W K . 9.16 -6.65 6.38
O B6W K . 9.70 -7.74 6.57
C1 B6W K . 9.71 -5.36 6.76
C11 B6W K . 6.41 1.18 8.23
C2 B6W K . 11.11 -5.27 7.31
C3 B6W K . 11.20 -5.61 8.82
C4 B6W K . 12.18 -5.99 6.47
C5 B6W K . 8.96 -4.20 6.61
C6 B6W K . 9.30 -2.85 7.09
C7 B6W K . 9.83 -2.49 8.32
C8 B6W K . 10.43 -0.30 9.40
C9 B6W K . 9.31 0.02 10.37
N1 B6W K . 8.28 0.81 9.68
N2 B6W K . 9.55 -0.60 7.14
N3 B6W K . 7.68 -4.25 6.09
N4 B6W K . 3.79 -4.43 4.90
N5 B6W K . 7.18 -7.72 5.46
N6 B6W K . 7.88 -6.60 5.86
O1 B6W K . 6.89 -0.92 9.28
CL B6W K . 4.68 0.86 8.37
#